data_5ZB2
#
_entry.id   5ZB2
#
_cell.length_a   110.921
_cell.length_b   67.764
_cell.length_c   69.015
_cell.angle_alpha   90.000
_cell.angle_beta   90.000
_cell.angle_gamma   90.000
#
_symmetry.space_group_name_H-M   'P 21 21 2'
#
loop_
_entity.id
_entity.type
_entity.pdbx_description
1 polymer 'DNA repair protein RAD7'
2 polymer Elongin-C
3 non-polymer GLYCEROL
4 non-polymer 2-(2-METHOXYETHOXY)ETHANOL
5 non-polymer 3,6,9,12,15,18-HEXAOXAICOSANE-1,20-DIOL
6 non-polymer 'HEXAETHYLENE GLYCOL'
7 non-polymer 3,6,9,12,15,18,21,24,27,30,33,36,39,42,45,48,51,54,57-nonadecaoxanonapentacontane-1,59-diol
8 non-polymer 'SODIUM ION'
9 water water
#
loop_
_entity_poly.entity_id
_entity_poly.type
_entity_poly.pdbx_seq_one_letter_code
_entity_poly.pdbx_strand_id
1 'polypeptide(L)'
;MARSVSSLQSLCITKISENISKWQKEADESSKLVFNKLRDVLGGVSTANLNNLAKALSKNRALNDHTLQLFLKTDLKRLT
FSDCSKISFDGYKTLAIFSPHLTELSLQMCGQLNHESLLYIAEKLPNLKSLNLDGPFLINEDTWEKFFVIMKGRLEEFHI
SNTHRFTDKSLSNLLINCGSTLVSLGLSRLDSISNYALLPQYLVNDEFHSLCIEYPFNEEDVNDEIIINLLGQIGRTLRK
LVLNGCIDLTDSMIINGLTAFIPEKCPLEVLSLEESDQITTDSLSYFFSKVELNNLIECSFRRCLQLGDMAIIELLLNGA
RDSLRSLNLNSLKELTKEAFVALACPNLTYLDLGFVRCVDDSVIQMLGEQNPNLTVIDVFGDNLVTEKATMRPGLTLIGR
QSDSI
;
A
2 'polypeptide(L)'
;MGSSHHHHHHSQGSMSQDFVTLVSKDDKEYEISRSAAMISPTLKAGRIELKQFDSHILEKAVEYLNYNLKYSGVSEDDDE
IPEFEIPTEMSLELLLAADYLSI
;
B
#
# COMPACT_ATOMS: atom_id res chain seq x y z
N SER A 4 -0.50 -50.47 -2.97
CA SER A 4 -0.51 -49.94 -4.33
C SER A 4 -1.86 -49.30 -4.67
N VAL A 5 -2.85 -49.53 -3.81
CA VAL A 5 -4.20 -48.99 -3.98
C VAL A 5 -4.51 -48.13 -2.77
N SER A 6 -4.96 -46.91 -3.02
CA SER A 6 -5.29 -45.99 -1.94
C SER A 6 -6.46 -46.53 -1.12
N SER A 7 -6.34 -46.42 0.20
CA SER A 7 -7.40 -46.87 1.08
C SER A 7 -8.68 -46.07 0.84
N LEU A 8 -9.82 -46.70 1.16
CA LEU A 8 -11.09 -46.00 1.03
C LEU A 8 -11.16 -44.79 1.94
N GLN A 9 -10.49 -44.83 3.10
CA GLN A 9 -10.44 -43.67 3.98
C GLN A 9 -9.76 -42.49 3.29
N SER A 10 -8.60 -42.74 2.67
CA SER A 10 -7.88 -41.69 1.98
C SER A 10 -8.72 -41.10 0.86
N LEU A 11 -9.45 -41.95 0.13
CA LEU A 11 -10.25 -41.47 -1.00
C LEU A 11 -11.39 -40.58 -0.53
N CYS A 12 -12.07 -40.98 0.55
CA CYS A 12 -13.11 -40.13 1.11
C CYS A 12 -12.53 -38.79 1.58
N ILE A 13 -11.34 -38.82 2.17
CA ILE A 13 -10.72 -37.59 2.66
C ILE A 13 -10.40 -36.67 1.49
N THR A 14 -9.92 -37.22 0.38
CA THR A 14 -9.67 -36.39 -0.80
C THR A 14 -10.96 -35.75 -1.29
N LYS A 15 -12.03 -36.53 -1.37
CA LYS A 15 -13.31 -35.97 -1.81
C LYS A 15 -13.76 -34.87 -0.88
N ILE A 16 -13.68 -35.11 0.44
CA ILE A 16 -14.08 -34.10 1.41
C ILE A 16 -13.24 -32.84 1.24
N SER A 17 -11.91 -33.00 1.23
CA SER A 17 -11.04 -31.85 1.10
C SER A 17 -11.35 -31.06 -0.18
N GLU A 18 -11.60 -31.75 -1.28
CA GLU A 18 -11.90 -31.06 -2.54
C GLU A 18 -13.18 -30.24 -2.41
N ASN A 19 -14.20 -30.78 -1.74
CA ASN A 19 -15.46 -30.06 -1.62
C ASN A 19 -15.37 -28.92 -0.61
N ILE A 20 -14.48 -29.00 0.38
CA ILE A 20 -14.27 -27.85 1.25
C ILE A 20 -13.73 -26.68 0.43
N SER A 21 -12.75 -26.95 -0.44
CA SER A 21 -12.16 -25.89 -1.26
C SER A 21 -13.23 -25.19 -2.10
N LYS A 22 -14.08 -25.96 -2.77
CA LYS A 22 -15.14 -25.36 -3.57
C LYS A 22 -16.13 -24.61 -2.68
N TRP A 23 -16.43 -25.17 -1.51
CA TRP A 23 -17.32 -24.49 -0.57
C TRP A 23 -16.70 -23.20 -0.04
N GLN A 24 -15.37 -23.11 0.01
CA GLN A 24 -14.73 -21.87 0.45
C GLN A 24 -15.25 -20.68 -0.34
N LYS A 25 -15.25 -20.81 -1.68
CA LYS A 25 -15.70 -19.70 -2.52
C LYS A 25 -17.16 -19.34 -2.24
N GLU A 26 -18.02 -20.34 -2.06
CA GLU A 26 -19.39 -20.06 -1.64
C GLU A 26 -19.40 -19.30 -0.32
N ALA A 27 -18.64 -19.77 0.67
CA ALA A 27 -18.57 -19.07 1.94
C ALA A 27 -18.01 -17.67 1.76
N ASP A 28 -17.04 -17.51 0.85
CA ASP A 28 -16.49 -16.18 0.59
C ASP A 28 -17.57 -15.23 0.10
N GLU A 29 -18.50 -15.72 -0.73
CA GLU A 29 -19.60 -14.88 -1.19
C GLU A 29 -20.56 -14.56 -0.06
N SER A 30 -20.92 -15.57 0.73
CA SER A 30 -21.76 -15.30 1.90
C SER A 30 -21.12 -14.26 2.81
N SER A 31 -19.80 -14.24 2.87
CA SER A 31 -19.11 -13.20 3.64
C SER A 31 -19.34 -11.83 3.03
N LYS A 32 -19.31 -11.75 1.69
CA LYS A 32 -19.55 -10.48 1.01
C LYS A 32 -20.89 -9.88 1.44
N LEU A 33 -21.94 -10.71 1.42
CA LEU A 33 -23.26 -10.21 1.79
C LEU A 33 -23.30 -9.73 3.24
N VAL A 34 -22.63 -10.44 4.15
CA VAL A 34 -22.68 -10.07 5.56
C VAL A 34 -21.97 -8.75 5.80
N PHE A 35 -20.90 -8.48 5.04
CA PHE A 35 -20.20 -7.20 5.20
C PHE A 35 -21.00 -6.07 4.56
N ASN A 36 -21.66 -6.34 3.43
CA ASN A 36 -22.56 -5.35 2.86
C ASN A 36 -23.68 -5.01 3.83
N LYS A 37 -24.19 -6.00 4.55
CA LYS A 37 -25.24 -5.76 5.53
C LYS A 37 -24.80 -4.73 6.57
N LEU A 38 -23.59 -4.89 7.11
CA LEU A 38 -23.08 -3.93 8.08
C LEU A 38 -23.04 -2.52 7.49
N ARG A 39 -22.50 -2.37 6.28
CA ARG A 39 -22.42 -1.07 5.65
C ARG A 39 -23.82 -0.52 5.35
N ASP A 40 -24.73 -1.38 4.87
CA ASP A 40 -26.06 -0.91 4.54
C ASP A 40 -26.83 -0.51 5.79
N VAL A 41 -26.63 -1.23 6.89
CA VAL A 41 -27.34 -0.92 8.14
C VAL A 41 -26.96 0.46 8.64
N LEU A 42 -25.71 0.89 8.40
CA LEU A 42 -25.26 2.20 8.83
C LEU A 42 -25.60 3.29 7.83
N GLY A 43 -26.44 2.99 6.85
CA GLY A 43 -26.82 3.95 5.82
C GLY A 43 -26.17 3.71 4.48
N GLY A 44 -25.29 2.72 4.35
CA GLY A 44 -24.62 2.43 3.10
C GLY A 44 -23.42 3.33 2.85
N VAL A 45 -22.46 2.84 2.07
CA VAL A 45 -21.29 3.62 1.71
C VAL A 45 -20.72 3.07 0.41
N SER A 46 -20.67 3.91 -0.62
CA SER A 46 -20.07 3.51 -1.88
C SER A 46 -18.57 3.35 -1.73
N THR A 47 -17.96 2.69 -2.70
CA THR A 47 -16.52 2.51 -2.68
C THR A 47 -15.79 3.83 -2.83
N ALA A 48 -16.43 4.81 -3.49
CA ALA A 48 -15.80 6.11 -3.70
C ALA A 48 -15.57 6.86 -2.40
N ASN A 49 -16.31 6.52 -1.34
CA ASN A 49 -16.20 7.19 -0.05
C ASN A 49 -15.46 6.35 0.99
N LEU A 50 -15.01 5.15 0.65
CA LEU A 50 -14.35 4.30 1.65
C LEU A 50 -13.07 4.94 2.16
N ASN A 51 -12.30 5.59 1.28
CA ASN A 51 -11.08 6.25 1.72
C ASN A 51 -11.39 7.45 2.61
N ASN A 52 -12.46 8.18 2.29
CA ASN A 52 -12.88 9.27 3.16
C ASN A 52 -13.28 8.75 4.53
N LEU A 53 -13.97 7.60 4.58
CA LEU A 53 -14.31 7.00 5.86
C LEU A 53 -13.05 6.62 6.63
N ALA A 54 -12.10 5.98 5.96
CA ALA A 54 -10.84 5.63 6.61
C ALA A 54 -10.15 6.85 7.18
N LYS A 55 -10.18 7.96 6.44
CA LYS A 55 -9.53 9.19 6.91
C LYS A 55 -10.20 9.70 8.19
N ALA A 56 -11.53 9.71 8.21
CA ALA A 56 -12.25 10.17 9.40
C ALA A 56 -11.89 9.31 10.61
N LEU A 57 -11.91 7.98 10.44
CA LEU A 57 -11.55 7.09 11.53
C LEU A 57 -10.11 7.30 11.96
N SER A 58 -9.19 7.41 10.99
CA SER A 58 -7.78 7.60 11.33
C SER A 58 -7.57 8.85 12.17
N LYS A 59 -8.13 9.98 11.74
CA LYS A 59 -7.95 11.23 12.48
C LYS A 59 -8.49 11.13 13.89
N ASN A 60 -9.45 10.25 14.14
CA ASN A 60 -10.02 10.06 15.46
C ASN A 60 -9.43 8.87 16.21
N ARG A 61 -8.29 8.34 15.74
CA ARG A 61 -7.67 7.17 16.35
C ARG A 61 -8.68 6.04 16.52
N ALA A 62 -9.60 5.93 15.57
CA ALA A 62 -10.70 4.98 15.65
C ALA A 62 -10.58 3.85 14.64
N LEU A 63 -9.45 3.73 13.96
CA LEU A 63 -9.21 2.61 13.06
C LEU A 63 -8.56 1.48 13.85
N ASN A 64 -9.24 0.33 13.90
CA ASN A 64 -8.77 -0.81 14.66
C ASN A 64 -9.39 -2.07 14.06
N ASP A 65 -9.12 -3.22 14.70
CA ASP A 65 -9.62 -4.48 14.16
C ASP A 65 -11.14 -4.51 14.11
N HIS A 66 -11.79 -3.79 15.01
CA HIS A 66 -13.25 -3.77 15.05
C HIS A 66 -13.82 -2.99 13.87
N THR A 67 -13.42 -1.72 13.73
CA THR A 67 -13.91 -0.89 12.64
C THR A 67 -13.34 -1.31 11.29
N LEU A 68 -12.22 -2.03 11.28
CA LEU A 68 -11.66 -2.53 10.03
C LEU A 68 -12.69 -3.30 9.21
N GLN A 69 -13.68 -3.89 9.87
CA GLN A 69 -14.66 -4.72 9.18
C GLN A 69 -15.52 -3.91 8.22
N LEU A 70 -15.58 -2.59 8.38
CA LEU A 70 -16.29 -1.73 7.44
C LEU A 70 -15.68 -1.77 6.04
N PHE A 71 -14.42 -2.17 5.93
CA PHE A 71 -13.69 -2.10 4.67
C PHE A 71 -13.47 -3.46 4.02
N LEU A 72 -14.12 -4.51 4.52
CA LEU A 72 -13.87 -5.86 4.06
C LEU A 72 -14.87 -6.29 2.99
N LYS A 73 -14.41 -7.14 2.07
CA LYS A 73 -15.23 -7.67 0.99
C LYS A 73 -15.86 -6.56 0.16
N THR A 74 -15.01 -5.67 -0.35
CA THR A 74 -15.41 -4.66 -1.31
C THR A 74 -14.60 -4.85 -2.59
N ASP A 75 -15.02 -4.17 -3.65
CA ASP A 75 -14.28 -4.16 -4.90
C ASP A 75 -13.31 -2.99 -5.01
N LEU A 76 -12.94 -2.39 -3.87
CA LEU A 76 -12.03 -1.26 -3.87
C LEU A 76 -10.64 -1.70 -4.34
N LYS A 77 -9.97 -0.82 -5.07
CA LYS A 77 -8.64 -1.11 -5.62
C LYS A 77 -7.52 -0.34 -4.95
N ARG A 78 -7.76 0.90 -4.54
CA ARG A 78 -6.77 1.73 -3.89
C ARG A 78 -7.27 2.09 -2.49
N LEU A 79 -6.55 1.66 -1.47
CA LEU A 79 -6.92 1.89 -0.08
C LEU A 79 -5.77 2.58 0.65
N THR A 80 -6.10 3.60 1.42
CA THR A 80 -5.13 4.33 2.24
C THR A 80 -5.64 4.35 3.67
N PHE A 81 -4.79 3.93 4.61
CA PHE A 81 -5.04 4.02 6.05
C PHE A 81 -4.01 4.97 6.64
N SER A 82 -4.47 6.12 7.16
CA SER A 82 -3.55 7.15 7.63
C SER A 82 -2.98 6.85 9.01
N ASP A 83 -3.64 6.02 9.81
CA ASP A 83 -3.10 5.65 11.13
C ASP A 83 -3.57 4.23 11.45
N CYS A 84 -2.68 3.25 11.24
CA CYS A 84 -2.94 1.85 11.50
C CYS A 84 -2.45 1.37 12.86
N SER A 85 -2.04 2.30 13.73
CA SER A 85 -1.33 1.91 14.95
C SER A 85 -2.07 0.81 15.72
N LYS A 86 -3.39 0.87 15.75
CA LYS A 86 -4.20 -0.05 16.55
C LYS A 86 -4.58 -1.33 15.80
N ILE A 87 -4.23 -1.46 14.53
CA ILE A 87 -4.53 -2.66 13.77
C ILE A 87 -3.50 -3.73 14.10
N SER A 88 -3.98 -4.91 14.52
CA SER A 88 -3.09 -5.98 14.92
C SER A 88 -2.56 -6.75 13.71
N PHE A 89 -1.63 -7.66 13.96
CA PHE A 89 -1.11 -8.49 12.87
C PHE A 89 -2.21 -9.33 12.26
N ASP A 90 -3.20 -9.75 13.06
CA ASP A 90 -4.33 -10.49 12.52
C ASP A 90 -5.22 -9.58 11.68
N GLY A 91 -5.36 -8.32 12.08
CA GLY A 91 -6.10 -7.37 11.26
C GLY A 91 -5.54 -7.26 9.85
N TYR A 92 -4.21 -7.17 9.74
CA TYR A 92 -3.59 -7.09 8.42
C TYR A 92 -3.82 -8.36 7.63
N LYS A 93 -3.75 -9.52 8.29
CA LYS A 93 -3.99 -10.78 7.61
C LYS A 93 -5.42 -10.86 7.10
N THR A 94 -6.40 -10.42 7.89
CA THR A 94 -7.79 -10.50 7.48
C THR A 94 -8.06 -9.57 6.31
N LEU A 95 -7.51 -8.35 6.36
CA LEU A 95 -7.64 -7.42 5.24
C LEU A 95 -7.16 -8.06 3.94
N ALA A 96 -5.98 -8.68 3.97
CA ALA A 96 -5.46 -9.31 2.76
C ALA A 96 -6.37 -10.42 2.26
N ILE A 97 -6.94 -11.20 3.18
CA ILE A 97 -7.79 -12.32 2.78
C ILE A 97 -9.07 -11.80 2.12
N PHE A 98 -9.63 -10.69 2.61
CA PHE A 98 -10.95 -10.24 2.22
C PHE A 98 -10.92 -9.01 1.31
N SER A 99 -9.78 -8.68 0.70
CA SER A 99 -9.68 -7.54 -0.21
C SER A 99 -8.83 -7.92 -1.42
N PRO A 100 -9.20 -8.99 -2.14
CA PRO A 100 -8.33 -9.49 -3.21
C PRO A 100 -8.18 -8.53 -4.38
N HIS A 101 -9.05 -7.53 -4.53
CA HIS A 101 -9.01 -6.64 -5.68
C HIS A 101 -8.03 -5.49 -5.51
N LEU A 102 -7.24 -5.48 -4.43
CA LEU A 102 -6.38 -4.33 -4.17
C LEU A 102 -5.18 -4.32 -5.11
N THR A 103 -4.87 -3.13 -5.62
CA THR A 103 -3.67 -2.90 -6.40
C THR A 103 -2.73 -1.90 -5.74
N GLU A 104 -3.26 -0.99 -4.92
CA GLU A 104 -2.46 0.01 -4.22
C GLU A 104 -2.89 0.05 -2.77
N LEU A 105 -1.92 -0.04 -1.86
CA LEU A 105 -2.21 -0.06 -0.44
C LEU A 105 -1.19 0.81 0.29
N SER A 106 -1.69 1.70 1.14
CA SER A 106 -0.85 2.56 1.96
C SER A 106 -1.21 2.33 3.42
N LEU A 107 -0.23 1.87 4.20
CA LEU A 107 -0.39 1.59 5.62
C LEU A 107 0.53 2.53 6.39
N GLN A 108 -0.03 3.60 6.94
CA GLN A 108 0.75 4.62 7.64
C GLN A 108 0.62 4.39 9.14
N MET A 109 1.76 4.41 9.84
CA MET A 109 1.81 4.12 11.27
C MET A 109 1.37 2.68 11.53
N CYS A 110 2.03 1.74 10.86
CA CYS A 110 1.69 0.32 10.92
C CYS A 110 2.64 -0.43 11.84
N GLY A 111 2.70 0.01 13.10
CA GLY A 111 3.69 -0.51 14.03
C GLY A 111 3.58 -2.00 14.30
N GLN A 112 2.37 -2.56 14.20
CA GLN A 112 2.16 -3.96 14.53
C GLN A 112 2.31 -4.90 13.34
N LEU A 113 2.52 -4.37 12.14
CA LEU A 113 2.76 -5.21 10.97
C LEU A 113 4.02 -6.04 11.19
N ASN A 114 3.88 -7.36 11.16
CA ASN A 114 5.00 -8.27 11.42
C ASN A 114 5.26 -9.15 10.21
N HIS A 115 6.21 -10.06 10.40
CA HIS A 115 6.64 -10.97 9.33
C HIS A 115 5.45 -11.62 8.64
N GLU A 116 4.60 -12.30 9.41
CA GLU A 116 3.46 -13.00 8.83
C GLU A 116 2.51 -12.03 8.13
N SER A 117 2.28 -10.86 8.74
CA SER A 117 1.39 -9.87 8.12
C SER A 117 1.93 -9.43 6.76
N LEU A 118 3.24 -9.17 6.67
CA LEU A 118 3.82 -8.69 5.43
C LEU A 118 3.72 -9.73 4.32
N LEU A 119 3.96 -11.01 4.66
CA LEU A 119 3.91 -12.06 3.65
C LEU A 119 2.48 -12.39 3.23
N TYR A 120 1.50 -12.22 4.13
CA TYR A 120 0.10 -12.32 3.74
C TYR A 120 -0.21 -11.29 2.65
N ILE A 121 0.23 -10.04 2.85
CA ILE A 121 -0.03 -8.99 1.87
C ILE A 121 0.56 -9.36 0.52
N ALA A 122 1.81 -9.82 0.51
CA ALA A 122 2.47 -10.13 -0.76
C ALA A 122 1.86 -11.35 -1.44
N GLU A 123 1.36 -12.32 -0.68
CA GLU A 123 0.93 -13.58 -1.26
C GLU A 123 -0.57 -13.69 -1.47
N LYS A 124 -1.39 -12.89 -0.77
CA LYS A 124 -2.83 -12.97 -0.89
C LYS A 124 -3.44 -11.87 -1.75
N LEU A 125 -2.67 -10.83 -2.08
CA LEU A 125 -3.15 -9.75 -2.93
C LEU A 125 -2.49 -9.88 -4.29
N PRO A 126 -3.03 -10.72 -5.19
CA PRO A 126 -2.32 -11.01 -6.44
C PRO A 126 -2.21 -9.81 -7.38
N ASN A 127 -3.08 -8.82 -7.25
CA ASN A 127 -3.03 -7.62 -8.09
C ASN A 127 -2.23 -6.49 -7.46
N LEU A 128 -1.64 -6.70 -6.28
CA LEU A 128 -0.92 -5.63 -5.61
C LEU A 128 0.31 -5.22 -6.42
N LYS A 129 0.41 -3.92 -6.70
CA LYS A 129 1.57 -3.35 -7.38
C LYS A 129 2.15 -2.14 -6.68
N SER A 130 1.49 -1.60 -5.66
CA SER A 130 1.96 -0.41 -4.94
C SER A 130 1.76 -0.60 -3.45
N LEU A 131 2.83 -0.42 -2.68
CA LEU A 131 2.77 -0.54 -1.23
C LEU A 131 3.53 0.61 -0.59
N ASN A 132 2.84 1.34 0.30
CA ASN A 132 3.43 2.45 1.06
C ASN A 132 3.31 2.12 2.54
N LEU A 133 4.44 2.03 3.23
CA LEU A 133 4.48 1.68 4.64
C LEU A 133 5.24 2.74 5.42
N ASP A 134 4.65 3.21 6.51
CA ASP A 134 5.26 4.21 7.37
C ASP A 134 5.30 3.68 8.80
N GLY A 135 6.48 3.31 9.25
CA GLY A 135 6.66 2.79 10.57
C GLY A 135 6.61 1.30 10.78
N PRO A 136 6.92 0.47 9.80
CA PRO A 136 6.92 -0.98 10.04
C PRO A 136 8.20 -1.39 10.75
N PHE A 137 8.35 -1.00 12.02
CA PHE A 137 9.63 -1.17 12.70
C PHE A 137 9.89 -2.61 13.14
N LEU A 138 8.92 -3.51 13.00
CA LEU A 138 9.17 -4.90 13.40
C LEU A 138 9.95 -5.67 12.34
N ILE A 139 9.88 -5.27 11.07
CA ILE A 139 10.42 -6.06 9.97
C ILE A 139 11.94 -5.94 9.96
N ASN A 140 12.62 -7.07 10.04
CA ASN A 140 14.08 -7.08 9.95
C ASN A 140 14.52 -7.28 8.50
N GLU A 141 15.82 -7.08 8.27
CA GLU A 141 16.33 -7.05 6.90
C GLU A 141 16.06 -8.35 6.17
N ASP A 142 16.14 -9.49 6.87
CA ASP A 142 15.93 -10.77 6.22
C ASP A 142 14.47 -10.95 5.79
N THR A 143 13.53 -10.40 6.55
CA THR A 143 12.13 -10.44 6.11
C THR A 143 11.92 -9.56 4.90
N TRP A 144 12.52 -8.37 4.87
CA TRP A 144 12.42 -7.51 3.69
C TRP A 144 12.84 -8.27 2.43
N GLU A 145 13.96 -9.00 2.52
CA GLU A 145 14.43 -9.76 1.36
C GLU A 145 13.36 -10.74 0.89
N LYS A 146 12.78 -11.52 1.81
CA LYS A 146 11.76 -12.49 1.43
C LYS A 146 10.57 -11.79 0.77
N PHE A 147 10.18 -10.63 1.29
CA PHE A 147 9.05 -9.90 0.71
C PHE A 147 9.35 -9.45 -0.72
N PHE A 148 10.57 -8.98 -0.96
CA PHE A 148 10.92 -8.51 -2.30
C PHE A 148 11.05 -9.66 -3.30
N VAL A 149 11.53 -10.81 -2.86
CA VAL A 149 11.55 -11.98 -3.74
C VAL A 149 10.14 -12.33 -4.18
N ILE A 150 9.20 -12.35 -3.25
CA ILE A 150 7.82 -12.66 -3.57
C ILE A 150 7.22 -11.63 -4.52
N MET A 151 7.62 -10.37 -4.38
CA MET A 151 7.09 -9.29 -5.22
C MET A 151 7.90 -9.06 -6.48
N LYS A 152 8.92 -9.88 -6.74
CA LYS A 152 9.76 -9.74 -7.91
C LYS A 152 8.93 -9.57 -9.17
N GLY A 153 9.19 -8.48 -9.91
CA GLY A 153 8.50 -8.22 -11.16
C GLY A 153 7.10 -7.67 -11.02
N ARG A 154 6.56 -7.59 -9.81
CA ARG A 154 5.21 -7.09 -9.59
C ARG A 154 5.17 -5.70 -8.97
N LEU A 155 6.20 -5.32 -8.21
CA LEU A 155 6.18 -4.10 -7.41
C LEU A 155 6.61 -2.93 -8.28
N GLU A 156 5.65 -2.03 -8.57
CA GLU A 156 5.93 -0.82 -9.34
C GLU A 156 6.12 0.41 -8.47
N GLU A 157 5.65 0.39 -7.23
CA GLU A 157 5.70 1.55 -6.35
C GLU A 157 5.97 1.08 -4.93
N PHE A 158 7.05 1.60 -4.33
CA PHE A 158 7.41 1.22 -2.96
C PHE A 158 7.90 2.46 -2.23
N HIS A 159 7.22 2.81 -1.14
CA HIS A 159 7.65 3.86 -0.22
C HIS A 159 7.69 3.27 1.18
N ILE A 160 8.82 3.41 1.85
CA ILE A 160 8.98 2.98 3.24
C ILE A 160 9.59 4.11 4.05
N SER A 161 9.14 4.25 5.30
CA SER A 161 9.57 5.36 6.15
C SER A 161 9.65 4.90 7.60
N ASN A 162 10.50 5.60 8.35
CA ASN A 162 10.54 5.52 9.81
C ASN A 162 10.81 4.10 10.31
N THR A 163 11.97 3.57 9.95
CA THR A 163 12.46 2.31 10.51
C THR A 163 13.94 2.20 10.26
N HIS A 164 14.73 1.98 11.31
CA HIS A 164 16.17 1.81 11.16
C HIS A 164 16.55 0.36 10.87
N ARG A 165 15.57 -0.52 10.72
CA ARG A 165 15.82 -1.92 10.38
C ARG A 165 15.71 -2.17 8.88
N PHE A 166 15.40 -1.15 8.08
CA PHE A 166 15.50 -1.24 6.62
C PHE A 166 16.92 -0.84 6.26
N THR A 167 17.78 -1.83 6.09
CA THR A 167 19.22 -1.61 5.96
C THR A 167 19.63 -1.48 4.51
N ASP A 168 20.91 -1.16 4.31
CA ASP A 168 21.47 -1.14 2.96
C ASP A 168 21.27 -2.47 2.25
N LYS A 169 21.42 -3.58 2.99
CA LYS A 169 21.16 -4.89 2.40
C LYS A 169 19.72 -4.98 1.89
N SER A 170 18.77 -4.45 2.66
CA SER A 170 17.37 -4.50 2.26
C SER A 170 17.13 -3.67 1.01
N LEU A 171 17.77 -2.50 0.93
CA LEU A 171 17.69 -1.69 -0.28
C LEU A 171 18.22 -2.43 -1.49
N SER A 172 19.37 -3.10 -1.34
CA SER A 172 19.93 -3.88 -2.44
C SER A 172 18.95 -4.96 -2.91
N ASN A 173 18.31 -5.65 -1.96
CA ASN A 173 17.36 -6.69 -2.35
C ASN A 173 16.12 -6.11 -3.02
N LEU A 174 15.71 -4.90 -2.62
CA LEU A 174 14.63 -4.23 -3.33
C LEU A 174 15.03 -3.96 -4.77
N LEU A 175 16.21 -3.39 -4.97
CA LEU A 175 16.64 -3.01 -6.31
C LEU A 175 16.95 -4.23 -7.17
N ILE A 176 17.63 -5.22 -6.60
CA ILE A 176 17.94 -6.45 -7.33
C ILE A 176 16.65 -7.12 -7.80
N ASN A 177 15.64 -7.20 -6.92
CA ASN A 177 14.44 -7.96 -7.26
C ASN A 177 13.38 -7.13 -8.00
N CYS A 178 13.34 -5.82 -7.79
CA CYS A 178 12.26 -5.01 -8.35
C CYS A 178 12.73 -3.75 -9.06
N GLY A 179 14.04 -3.52 -9.16
CA GLY A 179 14.58 -2.31 -9.74
C GLY A 179 13.96 -1.90 -11.06
N SER A 180 14.07 -2.76 -12.08
CA SER A 180 13.57 -2.43 -13.40
C SER A 180 12.06 -2.26 -13.45
N THR A 181 11.34 -2.72 -12.42
CA THR A 181 9.89 -2.59 -12.38
C THR A 181 9.42 -1.31 -11.70
N LEU A 182 10.27 -0.71 -10.85
CA LEU A 182 9.86 0.46 -10.08
C LEU A 182 9.68 1.67 -10.99
N VAL A 183 8.52 2.32 -10.88
CA VAL A 183 8.30 3.65 -11.43
C VAL A 183 8.11 4.69 -10.35
N SER A 184 8.10 4.30 -9.08
CA SER A 184 7.91 5.22 -7.95
C SER A 184 8.63 4.65 -6.74
N LEU A 185 9.44 5.48 -6.08
CA LEU A 185 10.26 5.05 -4.96
C LEU A 185 10.30 6.13 -3.89
N GLY A 186 10.13 5.72 -2.63
CA GLY A 186 10.21 6.63 -1.51
C GLY A 186 11.10 6.10 -0.40
N LEU A 187 12.01 6.95 0.08
CA LEU A 187 12.95 6.59 1.15
C LEU A 187 12.99 7.77 2.11
N SER A 188 12.40 7.61 3.30
CA SER A 188 12.23 8.73 4.21
C SER A 188 12.58 8.29 5.63
N ARG A 189 13.55 8.98 6.24
CA ARG A 189 13.90 8.77 7.64
C ARG A 189 14.28 7.31 7.88
N LEU A 190 15.26 6.84 7.10
CA LEU A 190 15.79 5.48 7.20
C LEU A 190 17.22 5.58 7.70
N ASP A 191 17.39 5.41 9.02
CA ASP A 191 18.66 5.73 9.67
C ASP A 191 19.82 4.83 9.23
N SER A 192 19.52 3.64 8.72
CA SER A 192 20.55 2.68 8.35
C SER A 192 20.90 2.70 6.87
N ILE A 193 20.26 3.57 6.09
CA ILE A 193 20.48 3.62 4.65
C ILE A 193 21.61 4.59 4.36
N SER A 194 22.59 4.15 3.59
CA SER A 194 23.66 5.01 3.11
C SER A 194 23.99 4.84 1.63
N ASN A 195 23.56 3.76 0.99
CA ASN A 195 23.93 3.46 -0.40
C ASN A 195 22.95 4.07 -1.39
N TYR A 196 22.67 5.36 -1.26
CA TYR A 196 21.84 6.05 -2.23
C TYR A 196 22.48 6.06 -3.61
N ALA A 197 23.80 5.82 -3.69
CA ALA A 197 24.50 5.81 -4.96
C ALA A 197 24.08 4.66 -5.86
N LEU A 198 23.40 3.65 -5.32
CA LEU A 198 22.95 2.53 -6.15
C LEU A 198 21.72 2.86 -6.98
N LEU A 199 20.99 3.93 -6.65
CA LEU A 199 19.74 4.21 -7.34
C LEU A 199 19.93 4.43 -8.84
N PRO A 200 20.91 5.21 -9.30
CA PRO A 200 21.04 5.41 -10.76
C PRO A 200 21.28 4.12 -11.52
N GLN A 201 21.89 3.11 -10.89
CA GLN A 201 22.16 1.86 -11.57
C GLN A 201 20.88 1.09 -11.87
N TYR A 202 19.95 1.06 -10.91
CA TYR A 202 18.84 0.12 -10.95
C TYR A 202 17.53 0.72 -11.43
N LEU A 203 17.33 2.03 -11.29
CA LEU A 203 16.05 2.66 -11.60
C LEU A 203 16.06 3.04 -13.09
N VAL A 204 15.85 2.03 -13.93
CA VAL A 204 16.01 2.17 -15.37
C VAL A 204 14.68 2.18 -16.11
N ASN A 205 13.56 1.97 -15.41
CA ASN A 205 12.27 1.95 -16.09
C ASN A 205 12.04 3.27 -16.81
N ASP A 206 11.75 3.18 -18.11
CA ASP A 206 11.58 4.38 -18.94
C ASP A 206 10.32 5.17 -18.61
N GLU A 207 9.52 4.73 -17.63
CA GLU A 207 8.32 5.46 -17.22
C GLU A 207 8.41 5.96 -15.79
N PHE A 208 9.61 5.97 -15.20
CA PHE A 208 9.75 6.37 -13.80
C PHE A 208 9.23 7.80 -13.62
N HIS A 209 8.43 8.01 -12.58
CA HIS A 209 7.77 9.30 -12.42
C HIS A 209 7.77 9.89 -11.01
N SER A 210 8.13 9.15 -9.97
CA SER A 210 8.03 9.65 -8.60
C SER A 210 9.24 9.20 -7.79
N LEU A 211 10.02 10.18 -7.31
CA LEU A 211 11.17 9.93 -6.46
C LEU A 211 11.03 10.77 -5.20
N CYS A 212 11.14 10.12 -4.04
N CYS A 212 11.16 10.13 -4.04
CA CYS A 212 11.06 10.79 -2.75
CA CYS A 212 11.06 10.80 -2.75
C CYS A 212 12.23 10.35 -1.89
C CYS A 212 12.21 10.35 -1.86
N ILE A 213 13.02 11.31 -1.41
CA ILE A 213 14.12 11.05 -0.50
C ILE A 213 14.07 12.11 0.60
N GLU A 214 14.00 11.66 1.85
CA GLU A 214 13.85 12.60 2.96
C GLU A 214 14.77 12.23 4.12
N TYR A 215 15.46 13.22 4.66
CA TYR A 215 16.24 13.13 5.89
C TYR A 215 17.16 11.92 5.92
N PRO A 216 18.17 11.87 5.05
CA PRO A 216 19.19 10.83 5.18
C PRO A 216 19.97 11.00 6.48
N PHE A 217 20.40 9.86 7.04
CA PHE A 217 21.08 9.90 8.33
C PHE A 217 22.41 10.65 8.22
N ASN A 218 23.24 10.28 7.26
CA ASN A 218 24.46 11.02 6.94
C ASN A 218 24.21 11.81 5.66
N GLU A 219 24.15 13.13 5.78
CA GLU A 219 23.66 13.96 4.70
C GLU A 219 24.56 13.89 3.47
N GLU A 220 25.86 13.63 3.66
CA GLU A 220 26.77 13.54 2.52
C GLU A 220 26.49 12.32 1.66
N ASP A 221 25.69 11.36 2.13
CA ASP A 221 25.33 10.19 1.33
C ASP A 221 24.33 10.51 0.22
N VAL A 222 23.72 11.70 0.25
CA VAL A 222 22.86 12.17 -0.84
C VAL A 222 23.50 13.45 -1.37
N ASN A 223 24.44 13.30 -2.31
CA ASN A 223 25.22 14.42 -2.79
C ASN A 223 24.83 14.78 -4.22
N ASP A 224 25.36 15.92 -4.68
CA ASP A 224 25.03 16.41 -6.01
C ASP A 224 25.26 15.35 -7.07
N GLU A 225 26.41 14.68 -7.01
CA GLU A 225 26.77 13.71 -8.05
C GLU A 225 25.71 12.63 -8.19
N ILE A 226 25.19 12.12 -7.07
CA ILE A 226 24.21 11.05 -7.13
C ILE A 226 22.90 11.56 -7.74
N ILE A 227 22.46 12.74 -7.34
CA ILE A 227 21.18 13.25 -7.82
C ILE A 227 21.27 13.63 -9.30
N ILE A 228 22.43 14.14 -9.74
CA ILE A 228 22.60 14.45 -11.16
C ILE A 228 22.50 13.18 -11.99
N ASN A 229 23.28 12.15 -11.61
CA ASN A 229 23.23 10.89 -12.34
C ASN A 229 21.82 10.32 -12.35
N LEU A 230 21.11 10.42 -11.23
CA LEU A 230 19.74 9.93 -11.17
C LEU A 230 18.83 10.72 -12.11
N LEU A 231 18.98 12.05 -12.12
CA LEU A 231 18.18 12.87 -13.01
C LEU A 231 18.48 12.57 -14.47
N GLY A 232 19.74 12.24 -14.79
CA GLY A 232 20.07 11.82 -16.14
C GLY A 232 19.33 10.59 -16.59
N GLN A 233 18.76 9.84 -15.64
CA GLN A 233 18.01 8.63 -15.94
C GLN A 233 16.51 8.87 -15.99
N ILE A 234 15.95 9.55 -14.98
CA ILE A 234 14.50 9.65 -14.81
C ILE A 234 13.94 11.02 -15.14
N GLY A 235 14.78 12.03 -15.36
CA GLY A 235 14.29 13.39 -15.50
C GLY A 235 13.22 13.54 -16.56
N ARG A 236 13.26 12.70 -17.60
CA ARG A 236 12.37 12.88 -18.74
C ARG A 236 10.91 12.67 -18.36
N THR A 237 10.61 11.67 -17.53
CA THR A 237 9.23 11.33 -17.18
C THR A 237 8.88 11.68 -15.74
N LEU A 238 9.72 12.45 -15.06
CA LEU A 238 9.53 12.71 -13.64
C LEU A 238 8.32 13.62 -13.42
N ARG A 239 7.35 13.14 -12.64
CA ARG A 239 6.19 13.94 -12.25
C ARG A 239 6.20 14.34 -10.78
N LYS A 240 7.01 13.70 -9.94
CA LYS A 240 7.07 14.01 -8.52
C LYS A 240 8.52 13.91 -8.06
N LEU A 241 9.08 15.04 -7.60
CA LEU A 241 10.43 15.07 -7.05
C LEU A 241 10.39 15.68 -5.65
N VAL A 242 10.80 14.89 -4.66
CA VAL A 242 10.79 15.32 -3.26
C VAL A 242 12.16 15.02 -2.68
N LEU A 243 12.89 16.07 -2.30
CA LEU A 243 14.21 15.94 -1.66
C LEU A 243 14.21 16.87 -0.45
N ASN A 244 13.86 16.33 0.71
CA ASN A 244 13.77 17.11 1.94
C ASN A 244 14.88 16.72 2.90
N GLY A 245 15.49 17.72 3.52
CA GLY A 245 16.56 17.48 4.47
C GLY A 245 17.88 17.04 3.86
N CYS A 246 18.02 17.07 2.53
CA CYS A 246 19.27 16.70 1.87
C CYS A 246 20.17 17.93 1.79
N ILE A 247 20.61 18.35 2.96
CA ILE A 247 21.39 19.55 3.15
C ILE A 247 22.71 19.64 2.44
N ASP A 248 23.18 18.54 1.94
CA ASP A 248 24.45 18.52 1.22
C ASP A 248 24.32 18.96 -0.24
N LEU A 249 23.11 19.08 -0.76
CA LEU A 249 22.91 19.46 -2.15
C LEU A 249 23.15 20.95 -2.36
N THR A 250 23.68 21.30 -3.53
CA THR A 250 24.04 22.67 -3.85
C THR A 250 23.49 23.05 -5.22
N ASP A 251 23.80 24.29 -5.64
CA ASP A 251 23.37 24.74 -6.96
C ASP A 251 23.83 23.80 -8.07
N SER A 252 24.90 23.05 -7.83
CA SER A 252 25.39 22.10 -8.83
C SER A 252 24.27 21.14 -9.25
N MET A 253 23.52 20.63 -8.27
CA MET A 253 22.38 19.78 -8.59
C MET A 253 21.37 20.53 -9.45
N ILE A 254 21.22 21.84 -9.20
CA ILE A 254 20.24 22.62 -9.95
C ILE A 254 20.74 22.89 -11.36
N ILE A 255 22.01 23.27 -11.49
CA ILE A 255 22.55 23.67 -12.79
C ILE A 255 22.85 22.45 -13.64
N ASN A 256 23.53 21.46 -13.07
CA ASN A 256 24.00 20.30 -13.82
C ASN A 256 23.02 19.13 -13.81
N GLY A 257 21.98 19.18 -12.98
CA GLY A 257 21.02 18.10 -12.90
C GLY A 257 19.63 18.47 -13.40
N LEU A 258 18.92 19.31 -12.64
CA LEU A 258 17.56 19.67 -13.02
C LEU A 258 17.51 20.37 -14.38
N THR A 259 18.33 21.41 -14.57
CA THR A 259 18.26 22.16 -15.81
C THR A 259 18.70 21.32 -17.00
N ALA A 260 19.63 20.39 -16.79
CA ALA A 260 20.13 19.57 -17.89
C ALA A 260 19.08 18.57 -18.36
N PHE A 261 18.36 17.94 -17.43
CA PHE A 261 17.62 16.73 -17.75
C PHE A 261 16.11 16.83 -17.56
N ILE A 262 15.58 17.99 -17.15
CA ILE A 262 14.13 18.16 -17.08
C ILE A 262 13.67 18.78 -18.39
N PRO A 263 12.70 18.20 -19.09
CA PRO A 263 12.28 18.78 -20.37
C PRO A 263 11.57 20.10 -20.19
N GLU A 264 11.68 20.96 -21.22
CA GLU A 264 11.06 22.27 -21.17
C GLU A 264 9.55 22.16 -20.98
N LYS A 265 8.93 21.19 -21.64
CA LYS A 265 7.54 20.82 -21.37
C LYS A 265 7.57 19.92 -20.14
N CYS A 266 7.68 20.56 -18.98
CA CYS A 266 7.96 19.82 -17.76
C CYS A 266 6.68 19.18 -17.22
N PRO A 267 6.65 17.86 -17.04
CA PRO A 267 5.45 17.21 -16.48
C PRO A 267 5.37 17.22 -14.97
N LEU A 268 6.25 17.92 -14.27
CA LEU A 268 6.26 17.88 -12.81
C LEU A 268 4.93 18.38 -12.24
N GLU A 269 4.34 17.57 -11.38
CA GLU A 269 3.14 17.96 -10.65
C GLU A 269 3.42 18.25 -9.18
N VAL A 270 4.48 17.69 -8.62
CA VAL A 270 4.84 17.89 -7.23
C VAL A 270 6.35 18.12 -7.15
N LEU A 271 6.76 19.16 -6.44
CA LEU A 271 8.17 19.50 -6.29
C LEU A 271 8.41 19.99 -4.87
N SER A 272 9.35 19.37 -4.17
CA SER A 272 9.68 19.76 -2.81
C SER A 272 11.18 19.67 -2.58
N LEU A 273 11.76 20.75 -2.07
CA LEU A 273 13.20 20.83 -1.83
C LEU A 273 13.47 21.44 -0.45
N GLU A 274 12.87 20.85 0.58
CA GLU A 274 12.87 21.48 1.90
C GLU A 274 14.23 21.36 2.58
N GLU A 275 14.60 22.41 3.31
CA GLU A 275 15.80 22.45 4.16
C GLU A 275 17.11 22.49 3.38
N SER A 276 17.10 22.93 2.12
CA SER A 276 18.32 23.03 1.31
C SER A 276 18.85 24.46 1.42
N ASP A 277 19.62 24.70 2.48
CA ASP A 277 20.13 26.03 2.77
C ASP A 277 21.31 26.44 1.89
N GLN A 278 21.76 25.58 0.97
CA GLN A 278 22.84 25.95 0.05
C GLN A 278 22.35 26.31 -1.35
N ILE A 279 21.09 26.00 -1.67
CA ILE A 279 20.54 26.36 -2.97
C ILE A 279 20.21 27.85 -2.98
N THR A 280 20.66 28.54 -4.03
CA THR A 280 20.53 29.99 -4.12
C THR A 280 19.32 30.40 -4.93
N THR A 281 18.92 31.66 -4.75
CA THR A 281 17.86 32.24 -5.56
C THR A 281 18.22 32.21 -7.04
N ASP A 282 19.49 32.44 -7.35
CA ASP A 282 19.93 32.54 -8.73
C ASP A 282 19.73 31.23 -9.48
N SER A 283 20.16 30.11 -8.89
CA SER A 283 20.07 28.84 -9.60
C SER A 283 18.62 28.48 -9.92
N LEU A 284 17.71 28.68 -8.97
CA LEU A 284 16.32 28.31 -9.20
C LEU A 284 15.65 29.25 -10.19
N SER A 285 15.98 30.54 -10.14
CA SER A 285 15.49 31.45 -11.17
C SER A 285 15.97 31.01 -12.54
N TYR A 286 17.26 30.68 -12.64
CA TYR A 286 17.82 30.20 -13.91
C TYR A 286 17.07 28.99 -14.41
N PHE A 287 16.71 28.06 -13.52
CA PHE A 287 16.07 26.83 -13.93
C PHE A 287 14.61 27.07 -14.31
N PHE A 288 13.88 27.85 -13.51
CA PHE A 288 12.46 28.04 -13.76
C PHE A 288 12.20 28.80 -15.07
N SER A 289 13.09 29.74 -15.44
CA SER A 289 12.87 30.47 -16.68
C SER A 289 13.03 29.57 -17.90
N LYS A 290 13.73 28.46 -17.77
CA LYS A 290 13.96 27.57 -18.91
C LYS A 290 12.76 26.68 -19.18
N VAL A 291 12.06 26.24 -18.14
CA VAL A 291 11.04 25.21 -18.28
C VAL A 291 9.65 25.81 -18.07
N GLU A 292 8.64 25.07 -18.51
CA GLU A 292 7.25 25.44 -18.32
C GLU A 292 6.62 24.46 -17.34
N LEU A 293 6.13 24.98 -16.21
CA LEU A 293 5.57 24.14 -15.16
C LEU A 293 4.06 24.25 -15.11
N ASN A 294 3.40 23.96 -16.25
CA ASN A 294 1.96 24.13 -16.37
C ASN A 294 1.16 23.08 -15.61
N ASN A 295 1.82 22.07 -15.02
CA ASN A 295 1.12 20.99 -14.33
C ASN A 295 1.47 20.94 -12.83
N LEU A 296 2.19 21.93 -12.31
CA LEU A 296 2.64 21.89 -10.93
C LEU A 296 1.46 22.13 -10.00
N ILE A 297 1.13 21.12 -9.20
CA ILE A 297 0.00 21.18 -8.27
C ILE A 297 0.46 21.55 -6.87
N GLU A 298 1.62 21.04 -6.46
CA GLU A 298 2.13 21.23 -5.11
C GLU A 298 3.60 21.59 -5.18
N CYS A 299 4.00 22.59 -4.40
CA CYS A 299 5.39 23.02 -4.37
C CYS A 299 5.73 23.51 -2.97
N SER A 300 6.88 23.07 -2.45
CA SER A 300 7.35 23.49 -1.13
C SER A 300 8.82 23.84 -1.18
N PHE A 301 9.16 24.99 -0.60
CA PHE A 301 10.53 25.41 -0.38
C PHE A 301 10.82 25.64 1.09
N ARG A 302 10.11 24.93 1.97
CA ARG A 302 10.25 25.10 3.41
C ARG A 302 11.71 25.10 3.81
N ARG A 303 12.14 26.17 4.47
CA ARG A 303 13.47 26.30 5.05
C ARG A 303 14.58 26.26 3.99
N CYS A 304 14.27 26.72 2.78
CA CYS A 304 15.30 27.05 1.79
C CYS A 304 15.72 28.49 2.04
N LEU A 305 16.58 28.66 3.05
CA LEU A 305 16.75 29.96 3.70
C LEU A 305 17.23 31.04 2.74
N GLN A 306 17.91 30.67 1.65
CA GLN A 306 18.47 31.66 0.76
C GLN A 306 17.47 32.21 -0.25
N LEU A 307 16.35 31.55 -0.47
CA LEU A 307 15.51 31.84 -1.62
C LEU A 307 14.80 33.18 -1.46
N GLY A 308 14.86 33.99 -2.52
CA GLY A 308 14.26 35.31 -2.53
C GLY A 308 13.23 35.49 -3.64
N ASP A 309 12.92 36.75 -3.95
CA ASP A 309 11.76 37.06 -4.78
C ASP A 309 11.84 36.39 -6.15
N MET A 310 12.99 36.51 -6.82
CA MET A 310 13.05 36.13 -8.23
C MET A 310 12.79 34.64 -8.43
N ALA A 311 13.21 33.80 -7.50
CA ALA A 311 12.91 32.37 -7.59
C ALA A 311 11.39 32.16 -7.65
N ILE A 312 10.65 32.84 -6.78
CA ILE A 312 9.20 32.65 -6.72
C ILE A 312 8.52 33.29 -7.91
N ILE A 313 9.00 34.45 -8.35
CA ILE A 313 8.41 35.14 -9.50
C ILE A 313 8.59 34.29 -10.75
N GLU A 314 9.82 33.82 -11.01
CA GLU A 314 10.06 32.99 -12.17
C GLU A 314 9.20 31.73 -12.14
N LEU A 315 8.99 31.17 -10.94
CA LEU A 315 8.13 30.00 -10.81
C LEU A 315 6.70 30.31 -11.28
N LEU A 316 6.13 31.40 -10.74
CA LEU A 316 4.74 31.73 -11.06
C LEU A 316 4.57 32.11 -12.52
N LEU A 317 5.50 32.91 -13.06
CA LEU A 317 5.36 33.42 -14.42
C LEU A 317 5.67 32.38 -15.50
N ASN A 318 6.17 31.21 -15.14
CA ASN A 318 6.52 30.17 -16.11
C ASN A 318 5.57 28.99 -16.03
N GLY A 319 4.28 29.25 -15.75
CA GLY A 319 3.22 28.27 -15.85
C GLY A 319 2.60 27.88 -14.52
N ALA A 320 3.38 27.85 -13.45
CA ALA A 320 2.89 27.33 -12.19
C ALA A 320 1.77 28.16 -11.59
N ARG A 321 1.67 29.44 -11.96
CA ARG A 321 0.66 30.32 -11.38
C ARG A 321 -0.74 29.74 -11.52
N ASP A 322 -1.05 29.16 -12.68
CA ASP A 322 -2.40 28.73 -13.00
C ASP A 322 -2.72 27.33 -12.49
N SER A 323 -1.73 26.57 -12.04
CA SER A 323 -1.94 25.18 -11.64
C SER A 323 -1.75 24.92 -10.15
N LEU A 324 -0.98 25.76 -9.45
CA LEU A 324 -0.68 25.49 -8.05
C LEU A 324 -1.94 25.46 -7.20
N ARG A 325 -2.03 24.46 -6.31
CA ARG A 325 -3.09 24.36 -5.33
C ARG A 325 -2.61 24.55 -3.89
N SER A 326 -1.35 24.21 -3.61
CA SER A 326 -0.75 24.49 -2.31
C SER A 326 0.70 24.90 -2.53
N LEU A 327 1.14 25.89 -1.75
CA LEU A 327 2.48 26.45 -1.88
C LEU A 327 3.02 26.71 -0.48
N ASN A 328 4.26 26.27 -0.23
CA ASN A 328 4.87 26.38 1.09
C ASN A 328 6.14 27.22 0.98
N LEU A 329 6.10 28.43 1.54
CA LEU A 329 7.24 29.34 1.56
C LEU A 329 7.81 29.50 2.97
N ASN A 330 7.53 28.55 3.85
CA ASN A 330 7.86 28.67 5.26
C ASN A 330 9.34 28.95 5.47
N SER A 331 9.63 29.99 6.24
CA SER A 331 10.96 30.40 6.68
C SER A 331 11.78 31.06 5.58
N LEU A 332 11.17 31.47 4.45
CA LEU A 332 11.89 32.21 3.43
C LEU A 332 12.00 33.66 3.87
N LYS A 333 13.02 33.93 4.69
CA LYS A 333 13.22 35.24 5.28
C LYS A 333 13.64 36.28 4.25
N GLU A 334 14.16 35.85 3.09
CA GLU A 334 14.65 36.80 2.10
C GLU A 334 13.55 37.37 1.21
N LEU A 335 12.35 36.80 1.23
CA LEU A 335 11.28 37.32 0.39
C LEU A 335 10.90 38.73 0.83
N THR A 336 10.42 39.52 -0.12
CA THR A 336 9.87 40.83 0.14
C THR A 336 8.44 40.88 -0.38
N LYS A 337 7.81 42.04 -0.24
CA LYS A 337 6.42 42.17 -0.67
C LYS A 337 6.28 41.96 -2.17
N GLU A 338 7.33 42.22 -2.95
CA GLU A 338 7.24 42.11 -4.40
C GLU A 338 6.94 40.68 -4.83
N ALA A 339 7.47 39.69 -4.10
CA ALA A 339 7.19 38.31 -4.45
C ALA A 339 5.69 38.02 -4.44
N PHE A 340 4.99 38.53 -3.44
CA PHE A 340 3.56 38.25 -3.31
C PHE A 340 2.71 39.08 -4.27
N VAL A 341 3.27 40.15 -4.83
CA VAL A 341 2.56 40.90 -5.86
C VAL A 341 2.20 39.97 -7.02
N ALA A 342 3.13 39.10 -7.41
CA ALA A 342 2.92 38.17 -8.51
C ALA A 342 2.12 36.94 -8.11
N LEU A 343 1.90 36.71 -6.82
CA LEU A 343 1.22 35.50 -6.35
C LEU A 343 -0.29 35.69 -6.51
N ALA A 344 -0.76 35.51 -7.75
CA ALA A 344 -2.17 35.61 -8.08
C ALA A 344 -2.55 34.33 -8.84
N CYS A 345 -3.10 33.36 -8.11
CA CYS A 345 -3.33 32.03 -8.65
C CYS A 345 -4.82 31.69 -8.57
N PRO A 346 -5.44 31.26 -9.67
CA PRO A 346 -6.88 30.96 -9.61
C PRO A 346 -7.22 29.75 -8.76
N ASN A 347 -6.33 28.77 -8.64
CA ASN A 347 -6.63 27.51 -7.99
C ASN A 347 -5.89 27.31 -6.67
N LEU A 348 -5.13 28.29 -6.21
CA LEU A 348 -4.40 28.14 -4.96
C LEU A 348 -5.38 28.12 -3.79
N THR A 349 -5.24 27.12 -2.91
CA THR A 349 -6.11 26.98 -1.75
C THR A 349 -5.37 27.01 -0.42
N TYR A 350 -4.11 26.58 -0.37
CA TYR A 350 -3.34 26.56 0.86
C TYR A 350 -2.01 27.26 0.63
N LEU A 351 -1.61 28.10 1.60
CA LEU A 351 -0.37 28.86 1.50
C LEU A 351 0.29 28.92 2.87
N ASP A 352 1.49 28.39 2.98
CA ASP A 352 2.23 28.36 4.23
C ASP A 352 3.25 29.49 4.21
N LEU A 353 3.00 30.53 5.02
CA LEU A 353 3.91 31.66 5.13
C LEU A 353 4.52 31.77 6.52
N GLY A 354 4.59 30.66 7.24
CA GLY A 354 5.17 30.66 8.58
C GLY A 354 6.60 31.15 8.59
N PHE A 355 6.88 32.10 9.48
CA PHE A 355 8.22 32.66 9.64
C PHE A 355 8.69 33.41 8.40
N VAL A 356 7.75 33.92 7.59
CA VAL A 356 8.09 34.77 6.46
C VAL A 356 8.08 36.21 6.96
N ARG A 357 9.28 36.73 7.21
CA ARG A 357 9.46 38.02 7.87
C ARG A 357 8.58 39.11 7.25
N CYS A 358 8.62 39.25 5.92
CA CYS A 358 8.03 40.41 5.28
C CYS A 358 6.50 40.43 5.33
N VAL A 359 5.85 39.32 5.68
CA VAL A 359 4.38 39.27 5.63
C VAL A 359 3.79 40.21 6.67
N ASP A 360 2.85 41.05 6.24
CA ASP A 360 2.12 41.92 7.14
C ASP A 360 0.66 41.96 6.69
N ASP A 361 -0.13 42.83 7.32
CA ASP A 361 -1.56 42.89 7.02
C ASP A 361 -1.79 43.24 5.55
N SER A 362 -0.97 44.16 5.01
CA SER A 362 -1.11 44.55 3.61
C SER A 362 -0.93 43.37 2.67
N VAL A 363 -0.03 42.44 3.02
CA VAL A 363 0.19 41.27 2.17
C VAL A 363 -0.99 40.33 2.26
N ILE A 364 -1.44 40.01 3.48
CA ILE A 364 -2.62 39.17 3.64
C ILE A 364 -3.81 39.77 2.91
N GLN A 365 -4.00 41.09 3.04
CA GLN A 365 -5.07 41.77 2.32
C GLN A 365 -4.96 41.53 0.83
N MET A 366 -3.77 41.81 0.27
CA MET A 366 -3.58 41.67 -1.18
C MET A 366 -3.79 40.22 -1.62
N LEU A 367 -3.25 39.27 -0.86
CA LEU A 367 -3.38 37.86 -1.23
C LEU A 367 -4.84 37.43 -1.22
N GLY A 368 -5.61 37.87 -0.23
CA GLY A 368 -7.01 37.49 -0.17
C GLY A 368 -7.80 37.94 -1.38
N GLU A 369 -7.39 39.05 -2.01
CA GLU A 369 -8.09 39.57 -3.17
C GLU A 369 -7.58 39.00 -4.48
N GLN A 370 -6.32 38.57 -4.53
CA GLN A 370 -5.73 38.07 -5.76
C GLN A 370 -5.87 36.56 -5.93
N ASN A 371 -6.39 35.85 -4.93
CA ASN A 371 -6.48 34.39 -4.95
C ASN A 371 -7.88 33.97 -4.54
N PRO A 372 -8.79 33.81 -5.51
CA PRO A 372 -10.20 33.60 -5.14
C PRO A 372 -10.46 32.33 -4.37
N ASN A 373 -9.65 31.28 -4.57
CA ASN A 373 -9.86 30.01 -3.91
C ASN A 373 -8.95 29.78 -2.71
N LEU A 374 -8.16 30.77 -2.32
CA LEU A 374 -7.30 30.64 -1.15
C LEU A 374 -8.17 30.61 0.11
N THR A 375 -8.01 29.57 0.91
CA THR A 375 -8.82 29.37 2.10
C THR A 375 -8.04 29.36 3.41
N VAL A 376 -6.76 28.99 3.39
CA VAL A 376 -5.95 28.91 4.60
C VAL A 376 -4.59 29.55 4.32
N ILE A 377 -4.15 30.38 5.27
CA ILE A 377 -2.83 30.99 5.23
C ILE A 377 -2.21 30.85 6.61
N ASP A 378 -1.09 30.13 6.69
CA ASP A 378 -0.37 29.99 7.95
C ASP A 378 0.58 31.17 8.11
N VAL A 379 0.37 31.96 9.16
CA VAL A 379 1.19 33.13 9.45
C VAL A 379 1.93 32.97 10.77
N PHE A 380 2.12 31.73 11.23
CA PHE A 380 2.81 31.49 12.48
C PHE A 380 4.20 32.13 12.44
N GLY A 381 4.46 32.98 13.42
CA GLY A 381 5.73 33.67 13.51
C GLY A 381 5.76 35.05 12.87
N ASP A 382 4.74 35.40 12.08
CA ASP A 382 4.68 36.69 11.39
C ASP A 382 4.09 37.71 12.35
N ASN A 383 4.96 38.28 13.19
CA ASN A 383 4.49 39.16 14.26
C ASN A 383 3.80 40.41 13.71
N LEU A 384 4.15 40.83 12.50
CA LEU A 384 3.56 42.03 11.91
C LEU A 384 2.14 41.81 11.41
N VAL A 385 1.58 40.61 11.58
CA VAL A 385 0.18 40.35 11.26
C VAL A 385 -0.63 40.56 12.54
N THR A 386 -1.54 41.54 12.53
CA THR A 386 -2.31 41.92 13.70
C THR A 386 -3.75 41.44 13.56
N GLU A 387 -4.55 41.78 14.57
CA GLU A 387 -5.98 41.47 14.51
C GLU A 387 -6.66 42.19 13.35
N LYS A 388 -6.14 43.35 12.96
CA LYS A 388 -6.72 44.14 11.88
C LYS A 388 -6.55 43.48 10.51
N ALA A 389 -5.91 42.32 10.43
CA ALA A 389 -5.74 41.63 9.17
C ALA A 389 -7.10 41.33 8.53
N THR A 390 -7.42 42.00 7.43
CA THR A 390 -8.68 41.78 6.76
C THR A 390 -8.78 40.33 6.27
N MET A 391 -9.92 39.71 6.53
CA MET A 391 -10.18 38.32 6.14
C MET A 391 -11.55 38.29 5.47
N ARG A 392 -11.59 38.54 4.17
CA ARG A 392 -12.83 38.47 3.43
C ARG A 392 -13.46 37.09 3.59
N PRO A 393 -14.75 36.96 3.33
CA PRO A 393 -15.44 35.70 3.61
C PRO A 393 -14.75 34.50 2.96
N GLY A 394 -14.47 33.48 3.78
CA GLY A 394 -13.94 32.22 3.32
C GLY A 394 -12.50 31.97 3.70
N LEU A 395 -11.73 33.00 4.06
CA LEU A 395 -10.32 32.87 4.35
C LEU A 395 -10.10 32.84 5.86
N THR A 396 -9.27 31.91 6.31
CA THR A 396 -8.94 31.76 7.72
C THR A 396 -7.43 31.79 7.89
N LEU A 397 -6.97 32.48 8.92
CA LEU A 397 -5.55 32.59 9.23
C LEU A 397 -5.22 31.73 10.44
N ILE A 398 -4.22 30.86 10.29
CA ILE A 398 -3.76 30.00 11.36
C ILE A 398 -2.36 30.44 11.77
N GLY A 399 -2.03 30.22 13.04
CA GLY A 399 -0.75 30.64 13.57
C GLY A 399 -0.75 32.02 14.21
N ARG A 400 -1.89 32.47 14.73
CA ARG A 400 -1.98 33.77 15.35
C ARG A 400 -1.35 33.73 16.75
N GLN A 401 -1.26 34.91 17.38
CA GLN A 401 -0.72 34.98 18.73
C GLN A 401 -1.58 34.19 19.71
N SER A 402 -2.89 34.09 19.46
CA SER A 402 -3.75 33.32 20.34
C SER A 402 -3.33 31.86 20.43
N ASP A 403 -2.63 31.35 19.41
CA ASP A 403 -2.14 29.99 19.42
C ASP A 403 -0.81 29.84 20.14
N SER A 404 -0.25 30.92 20.67
CA SER A 404 1.04 30.88 21.36
C SER A 404 0.96 31.35 22.81
N ILE A 405 -0.25 31.63 23.31
CA ILE A 405 -0.41 31.95 24.73
C ILE A 405 -1.60 31.19 25.29
N ASP B 18 -18.43 -69.95 -2.22
CA ASP B 18 -17.30 -69.27 -1.59
C ASP B 18 -17.58 -67.78 -1.48
N PHE B 19 -18.57 -67.42 -0.65
CA PHE B 19 -18.98 -66.04 -0.45
C PHE B 19 -19.13 -65.77 1.04
N VAL B 20 -19.41 -64.51 1.36
CA VAL B 20 -19.65 -64.07 2.74
C VAL B 20 -20.80 -63.08 2.73
N THR B 21 -21.79 -63.31 3.57
CA THR B 21 -22.96 -62.45 3.62
C THR B 21 -22.71 -61.22 4.48
N LEU B 22 -23.45 -60.16 4.19
CA LEU B 22 -23.30 -58.90 4.90
C LEU B 22 -24.65 -58.20 4.96
N VAL B 23 -25.04 -57.78 6.16
CA VAL B 23 -26.36 -57.18 6.40
C VAL B 23 -26.18 -55.70 6.71
N SER B 24 -27.15 -54.92 6.26
CA SER B 24 -27.17 -53.47 6.47
C SER B 24 -28.12 -53.14 7.62
N LYS B 25 -28.21 -51.85 7.94
CA LYS B 25 -29.21 -51.39 8.89
C LYS B 25 -30.61 -51.79 8.42
N ASP B 26 -30.92 -51.51 7.17
CA ASP B 26 -32.09 -52.09 6.54
C ASP B 26 -31.86 -53.58 6.32
N ASP B 27 -32.96 -54.32 6.15
CA ASP B 27 -32.87 -55.76 6.00
C ASP B 27 -32.15 -56.19 4.73
N LYS B 28 -31.81 -55.25 3.84
CA LYS B 28 -31.10 -55.60 2.62
C LYS B 28 -29.76 -56.24 2.93
N GLU B 29 -29.44 -57.31 2.23
CA GLU B 29 -28.21 -58.06 2.43
C GLU B 29 -27.27 -57.86 1.25
N TYR B 30 -26.01 -58.23 1.46
CA TYR B 30 -24.98 -58.11 0.43
C TYR B 30 -23.99 -59.26 0.60
N GLU B 31 -23.60 -59.86 -0.51
CA GLU B 31 -22.62 -60.94 -0.52
C GLU B 31 -21.29 -60.41 -1.05
N ILE B 32 -20.19 -60.93 -0.50
CA ILE B 32 -18.85 -60.48 -0.86
C ILE B 32 -17.95 -61.70 -0.95
N SER B 33 -17.08 -61.72 -1.95
CA SER B 33 -16.08 -62.77 -2.05
C SER B 33 -15.24 -62.82 -0.78
N ARG B 34 -15.08 -64.02 -0.23
CA ARG B 34 -14.29 -64.16 0.99
C ARG B 34 -12.90 -63.55 0.83
N SER B 35 -12.33 -63.66 -0.37
CA SER B 35 -11.03 -63.05 -0.63
C SER B 35 -11.12 -61.53 -0.66
N ALA B 36 -12.29 -60.99 -1.04
CA ALA B 36 -12.47 -59.54 -1.04
C ALA B 36 -12.72 -59.01 0.37
N ALA B 37 -13.57 -59.69 1.14
CA ALA B 37 -13.83 -59.29 2.51
C ALA B 37 -12.61 -59.46 3.40
N MET B 38 -11.66 -60.32 3.01
CA MET B 38 -10.43 -60.48 3.78
C MET B 38 -9.63 -59.20 3.86
N ILE B 39 -9.84 -58.26 2.92
CA ILE B 39 -9.13 -56.99 2.96
C ILE B 39 -9.46 -56.24 4.23
N SER B 40 -10.68 -56.36 4.73
CA SER B 40 -11.11 -55.71 5.95
C SER B 40 -10.68 -56.56 7.15
N PRO B 41 -9.76 -56.07 8.00
CA PRO B 41 -9.39 -56.85 9.20
C PRO B 41 -10.55 -57.07 10.15
N THR B 42 -11.62 -56.28 10.05
CA THR B 42 -12.75 -56.37 10.95
C THR B 42 -13.85 -57.29 10.43
N LEU B 43 -13.69 -57.87 9.25
CA LEU B 43 -14.68 -58.76 8.65
C LEU B 43 -14.09 -60.17 8.56
N LYS B 44 -14.35 -60.97 9.60
CA LYS B 44 -13.97 -62.37 9.64
C LYS B 44 -15.27 -63.16 9.78
N ALA B 45 -15.84 -63.55 8.65
CA ALA B 45 -17.20 -64.06 8.61
C ALA B 45 -17.40 -64.90 7.34
N GLY B 46 -18.48 -65.67 7.24
CA GLY B 46 -19.54 -65.77 8.24
C GLY B 46 -20.74 -64.91 7.91
N ARG B 47 -21.24 -64.21 8.93
CA ARG B 47 -22.32 -63.24 8.77
C ARG B 47 -22.06 -62.08 9.71
N ILE B 48 -22.21 -60.86 9.20
CA ILE B 48 -21.97 -59.64 9.97
C ILE B 48 -23.18 -58.73 9.86
N GLU B 49 -23.55 -58.10 10.96
CA GLU B 49 -24.66 -57.16 11.02
C GLU B 49 -24.07 -55.76 11.21
N LEU B 50 -24.23 -54.91 10.20
CA LEU B 50 -23.66 -53.56 10.21
C LEU B 50 -24.79 -52.54 10.40
N LYS B 51 -25.31 -52.49 11.61
CA LYS B 51 -26.27 -51.45 11.96
C LYS B 51 -25.57 -50.08 11.88
N GLN B 52 -26.39 -49.03 11.93
CA GLN B 52 -25.94 -47.64 11.88
C GLN B 52 -25.43 -47.22 10.50
N PHE B 53 -25.57 -48.07 9.48
CA PHE B 53 -25.14 -47.75 8.14
C PHE B 53 -26.25 -48.09 7.16
N ASP B 54 -26.54 -47.17 6.25
CA ASP B 54 -27.62 -47.32 5.30
C ASP B 54 -27.22 -48.25 4.16
N SER B 55 -28.20 -48.58 3.31
CA SER B 55 -27.97 -49.53 2.24
C SER B 55 -27.03 -48.97 1.19
N HIS B 56 -27.14 -47.68 0.87
CA HIS B 56 -26.29 -47.09 -0.15
C HIS B 56 -24.83 -47.06 0.29
N ILE B 57 -24.56 -47.01 1.59
CA ILE B 57 -23.18 -46.98 2.07
C ILE B 57 -22.52 -48.34 1.89
N LEU B 58 -23.17 -49.40 2.38
CA LEU B 58 -22.58 -50.74 2.27
C LEU B 58 -22.37 -51.14 0.82
N GLU B 59 -23.35 -50.82 -0.05
CA GLU B 59 -23.20 -51.12 -1.47
C GLU B 59 -21.93 -50.49 -2.02
N LYS B 60 -21.54 -49.33 -1.51
CA LYS B 60 -20.31 -48.68 -1.97
C LYS B 60 -19.09 -49.29 -1.32
N ALA B 61 -19.19 -49.70 -0.05
CA ALA B 61 -18.09 -50.39 0.61
C ALA B 61 -17.74 -51.67 -0.12
N VAL B 62 -18.75 -52.50 -0.40
CA VAL B 62 -18.52 -53.72 -1.17
C VAL B 62 -17.93 -53.37 -2.53
N GLU B 63 -18.42 -52.30 -3.16
CA GLU B 63 -17.87 -51.88 -4.45
C GLU B 63 -16.39 -51.58 -4.34
N TYR B 64 -15.96 -50.98 -3.22
CA TYR B 64 -14.54 -50.71 -3.05
C TYR B 64 -13.75 -52.00 -2.79
N LEU B 65 -14.28 -52.90 -1.97
CA LEU B 65 -13.58 -54.13 -1.67
C LEU B 65 -13.26 -54.90 -2.95
N ASN B 66 -14.27 -55.15 -3.77
CA ASN B 66 -14.03 -55.78 -5.07
C ASN B 66 -13.05 -54.95 -5.89
N TYR B 67 -13.26 -53.63 -5.94
CA TYR B 67 -12.34 -52.75 -6.63
C TYR B 67 -10.92 -52.91 -6.10
N ASN B 68 -10.78 -53.14 -4.80
CA ASN B 68 -9.45 -53.25 -4.20
C ASN B 68 -8.77 -54.55 -4.63
N LEU B 69 -9.44 -55.69 -4.44
CA LEU B 69 -8.83 -56.97 -4.78
C LEU B 69 -8.47 -57.04 -6.25
N LYS B 70 -9.26 -56.39 -7.12
CA LYS B 70 -8.97 -56.44 -8.56
C LYS B 70 -7.62 -55.82 -8.87
N TYR B 71 -7.42 -54.55 -8.49
CA TYR B 71 -6.22 -53.82 -8.85
C TYR B 71 -5.11 -53.93 -7.80
N SER B 72 -5.31 -54.73 -6.76
CA SER B 72 -4.28 -54.94 -5.75
C SER B 72 -3.51 -56.24 -6.02
N ILE B 81 -4.78 -47.82 -13.40
CA ILE B 81 -5.77 -48.09 -12.36
C ILE B 81 -6.84 -47.00 -12.36
N PRO B 82 -8.10 -47.37 -12.58
CA PRO B 82 -9.16 -46.36 -12.56
C PRO B 82 -9.33 -45.77 -11.17
N GLU B 83 -10.00 -44.61 -11.14
CA GLU B 83 -10.32 -43.95 -9.89
C GLU B 83 -11.65 -44.47 -9.36
N PHE B 84 -11.72 -44.65 -8.04
CA PHE B 84 -12.94 -45.08 -7.38
C PHE B 84 -13.80 -43.85 -7.11
N GLU B 85 -14.91 -43.74 -7.82
CA GLU B 85 -15.79 -42.59 -7.64
C GLU B 85 -16.49 -42.66 -6.28
N ILE B 86 -16.57 -41.51 -5.62
CA ILE B 86 -17.23 -41.41 -4.31
C ILE B 86 -18.23 -40.26 -4.37
N PRO B 87 -19.53 -40.53 -4.28
CA PRO B 87 -20.50 -39.43 -4.33
C PRO B 87 -20.28 -38.43 -3.21
N THR B 88 -20.38 -37.15 -3.55
CA THR B 88 -20.18 -36.10 -2.55
C THR B 88 -21.17 -36.22 -1.41
N GLU B 89 -22.43 -36.53 -1.72
CA GLU B 89 -23.49 -36.57 -0.72
C GLU B 89 -23.31 -37.68 0.32
N MET B 90 -22.30 -38.54 0.19
CA MET B 90 -22.06 -39.60 1.16
C MET B 90 -20.60 -39.70 1.56
N SER B 91 -19.82 -38.63 1.36
CA SER B 91 -18.39 -38.69 1.64
C SER B 91 -18.12 -38.81 3.13
N LEU B 92 -18.85 -38.07 3.96
CA LEU B 92 -18.63 -38.14 5.40
C LEU B 92 -19.00 -39.51 5.95
N GLU B 93 -20.23 -39.95 5.71
CA GLU B 93 -20.68 -41.23 6.26
C GLU B 93 -19.82 -42.37 5.73
N LEU B 94 -19.41 -42.30 4.46
CA LEU B 94 -18.56 -43.36 3.92
C LEU B 94 -17.19 -43.37 4.58
N LEU B 95 -16.66 -42.20 4.94
CA LEU B 95 -15.39 -42.16 5.67
C LEU B 95 -15.50 -42.92 6.99
N LEU B 96 -16.59 -42.69 7.73
CA LEU B 96 -16.77 -43.37 9.01
C LEU B 96 -16.86 -44.88 8.81
N ALA B 97 -17.52 -45.33 7.75
CA ALA B 97 -17.61 -46.77 7.50
C ALA B 97 -16.25 -47.36 7.14
N ALA B 98 -15.47 -46.64 6.32
CA ALA B 98 -14.14 -47.12 5.97
C ALA B 98 -13.26 -47.21 7.21
N ASP B 99 -13.41 -46.26 8.13
CA ASP B 99 -12.62 -46.28 9.36
C ASP B 99 -12.97 -47.51 10.21
N TYR B 100 -14.26 -47.72 10.46
CA TYR B 100 -14.67 -48.88 11.24
C TYR B 100 -14.20 -50.16 10.58
N LEU B 101 -14.31 -50.25 9.26
CA LEU B 101 -13.83 -51.42 8.52
C LEU B 101 -12.32 -51.42 8.33
N SER B 102 -11.64 -50.32 8.64
CA SER B 102 -10.19 -50.24 8.48
C SER B 102 -9.79 -50.53 7.04
N ILE B 103 -10.57 -50.00 6.09
CA ILE B 103 -10.28 -50.17 4.67
C ILE B 103 -9.98 -48.82 4.04
#